data_5UTN
#
_entry.id   5UTN
#
_cell.length_a   70.356
_cell.length_b   95.801
_cell.length_c   119.253
_cell.angle_alpha   90.000
_cell.angle_beta   90.000
_cell.angle_gamma   90.000
#
_symmetry.space_group_name_H-M   'I 2 2 2'
#
loop_
_entity.id
_entity.type
_entity.pdbx_description
1 polymer 'ORF 17'
2 non-polymer '4-{[6-(cyclohexylmethyl)pyridine-2-carbonyl]amino}-3-[(4-fluorophenyl)amino]benzoic acid'
3 non-polymer 'CHLORIDE ION'
4 water water
#
_entity_poly.entity_id   1
_entity_poly.type   'polypeptide(L)'
_entity_poly.pdbx_seq_one_letter_code
;GLYVGGFVDVVSCPKLEQELYLDPDQVTDYLPVTEPLPITIEHLPETEVGWTLGLFQVSHGIFCTGAITSPAFLELASRL
ADTSHVARAPVKNLPKEPLLEILHTWLPGLSLSSIHPRELSQTPSGPVFQHVSLCALGRRRGTVAVYGHDAEWVVSRFSS
VSKSERAHILQHVSSCRLEDLSTPNFVSPLETL
;
_entity_poly.pdbx_strand_id   A,B
#
# COMPACT_ATOMS: atom_id res chain seq x y z
N GLY A 1 -5.48 20.48 -8.66
CA GLY A 1 -5.27 19.10 -9.04
C GLY A 1 -4.12 18.92 -10.01
N LEU A 2 -2.97 18.51 -9.49
CA LEU A 2 -1.74 18.46 -10.26
C LEU A 2 -1.39 17.03 -10.66
N TYR A 3 -0.79 16.89 -11.83
CA TYR A 3 -0.20 15.65 -12.28
C TYR A 3 1.32 15.76 -12.24
N VAL A 4 1.98 14.64 -11.99
CA VAL A 4 3.43 14.61 -12.07
C VAL A 4 3.82 13.43 -12.95
N GLY A 5 4.90 13.60 -13.70
CA GLY A 5 5.35 12.55 -14.59
C GLY A 5 6.85 12.58 -14.75
N GLY A 6 7.42 11.42 -15.02
CA GLY A 6 8.84 11.33 -15.31
C GLY A 6 9.35 9.92 -15.18
N PHE A 7 10.59 9.76 -15.64
CA PHE A 7 11.32 8.51 -15.44
C PHE A 7 11.88 8.48 -14.02
N VAL A 8 11.81 7.30 -13.39
CA VAL A 8 12.16 7.16 -12.00
C VAL A 8 13.54 6.56 -11.87
N ASP A 9 14.16 6.81 -10.70
CA ASP A 9 15.21 5.96 -10.21
C ASP A 9 14.57 4.91 -9.32
N VAL A 10 15.09 3.68 -9.37
CA VAL A 10 14.61 2.61 -8.54
C VAL A 10 15.59 2.43 -7.39
N VAL A 11 15.09 2.56 -6.16
CA VAL A 11 15.92 2.52 -4.97
C VAL A 11 15.40 1.45 -4.02
N SER A 12 16.30 0.57 -3.58
CA SER A 12 15.94 -0.48 -2.64
C SER A 12 16.17 -0.03 -1.22
N CYS A 13 15.21 -0.35 -0.35
CA CYS A 13 15.30 -0.03 1.07
CA CYS A 13 15.30 -0.03 1.07
CA CYS A 13 15.29 -0.03 1.07
C CYS A 13 15.86 1.37 1.25
N PRO A 14 15.27 2.38 0.60
CA PRO A 14 15.85 3.73 0.66
C PRO A 14 15.92 4.25 2.08
N LYS A 15 16.86 5.19 2.29
CA LYS A 15 17.04 5.88 3.56
C LYS A 15 17.86 5.06 4.55
N LEU A 16 17.72 3.74 4.49
CA LEU A 16 18.37 2.87 5.46
C LEU A 16 19.88 2.82 5.23
N GLU A 17 20.56 2.09 6.12
CA GLU A 17 22.03 2.02 6.05
C GLU A 17 22.48 1.34 4.77
N GLN A 18 21.83 0.25 4.37
CA GLN A 18 22.24 -0.50 3.19
C GLN A 18 21.32 -0.20 2.00
N GLU A 19 21.27 1.09 1.67
CA GLU A 19 20.51 1.57 0.52
C GLU A 19 21.27 1.29 -0.77
N LEU A 20 20.52 1.03 -1.85
CA LEU A 20 21.11 0.61 -3.10
C LEU A 20 20.21 0.98 -4.26
N TYR A 21 20.74 1.75 -5.22
CA TYR A 21 20.03 1.98 -6.48
C TYR A 21 20.06 0.72 -7.34
N LEU A 22 18.97 0.50 -8.08
CA LEU A 22 18.77 -0.72 -8.83
C LEU A 22 18.75 -0.45 -10.33
N ASP A 23 19.26 -1.40 -11.10
CA ASP A 23 19.13 -1.37 -12.54
C ASP A 23 17.66 -1.57 -12.91
N PRO A 24 17.08 -0.73 -13.76
CA PRO A 24 15.66 -0.91 -14.12
C PRO A 24 15.28 -2.33 -14.50
N ASP A 25 16.15 -3.07 -15.18
CA ASP A 25 15.79 -4.42 -15.57
C ASP A 25 15.69 -5.36 -14.38
N GLN A 26 16.20 -4.97 -13.21
CA GLN A 26 16.05 -5.80 -12.03
C GLN A 26 14.61 -5.86 -11.53
N VAL A 27 13.75 -4.95 -12.00
CA VAL A 27 12.37 -4.89 -11.55
C VAL A 27 11.37 -4.86 -12.69
N THR A 28 11.83 -4.82 -13.95
CA THR A 28 10.89 -4.69 -15.06
C THR A 28 9.95 -5.88 -15.18
N ASP A 29 10.37 -7.05 -14.71
CA ASP A 29 9.46 -8.20 -14.72
C ASP A 29 8.23 -7.97 -13.85
N TYR A 30 8.34 -7.09 -12.85
CA TYR A 30 7.26 -6.79 -11.93
C TYR A 30 6.48 -5.55 -12.35
N LEU A 31 6.77 -5.01 -13.53
CA LEU A 31 5.97 -3.94 -14.11
C LEU A 31 5.04 -4.53 -15.17
N PRO A 32 3.98 -3.81 -15.53
CA PRO A 32 3.63 -2.48 -15.00
C PRO A 32 2.94 -2.54 -13.66
N VAL A 33 2.80 -1.40 -12.99
CA VAL A 33 2.03 -1.28 -11.76
C VAL A 33 0.90 -0.31 -12.02
N THR A 34 -0.34 -0.79 -11.94
CA THR A 34 -1.52 0.01 -12.17
C THR A 34 -2.26 0.39 -10.89
N GLU A 35 -2.09 -0.36 -9.81
CA GLU A 35 -2.70 0.00 -8.55
C GLU A 35 -1.97 1.18 -7.93
N PRO A 36 -2.67 2.07 -7.23
CA PRO A 36 -2.01 3.30 -6.75
C PRO A 36 -1.07 3.01 -5.59
N LEU A 37 0.10 3.56 -5.67
CA LEU A 37 1.07 3.62 -4.60
C LEU A 37 1.13 5.04 -4.06
N PRO A 38 1.39 5.23 -2.77
CA PRO A 38 1.49 6.58 -2.24
C PRO A 38 2.67 7.32 -2.85
N ILE A 39 2.50 8.63 -3.01
CA ILE A 39 3.57 9.53 -3.41
C ILE A 39 3.90 10.36 -2.18
N THR A 40 5.13 10.23 -1.69
CA THR A 40 5.58 10.93 -0.50
C THR A 40 6.74 11.86 -0.86
N ILE A 41 7.24 12.58 0.13
CA ILE A 41 8.43 13.42 -0.04
C ILE A 41 9.62 12.73 0.63
N GLU A 42 10.68 12.51 -0.14
CA GLU A 42 11.97 12.01 0.37
C GLU A 42 11.81 10.77 1.25
N HIS A 43 10.89 9.88 0.86
CA HIS A 43 10.72 8.58 1.51
C HIS A 43 10.26 8.73 2.96
N LEU A 44 9.66 9.86 3.31
CA LEU A 44 9.13 10.07 4.65
C LEU A 44 7.68 9.66 4.69
N PRO A 45 7.26 8.76 5.59
CA PRO A 45 5.92 8.18 5.45
C PRO A 45 4.78 9.14 5.81
N GLU A 46 5.00 10.10 6.70
CA GLU A 46 3.93 11.03 7.05
C GLU A 46 3.81 12.19 6.07
N THR A 47 4.30 12.02 4.84
CA THR A 47 4.29 13.12 3.88
C THR A 47 3.66 12.66 2.56
N GLU A 48 2.65 11.79 2.63
CA GLU A 48 1.87 11.45 1.45
C GLU A 48 1.22 12.69 0.87
N VAL A 49 1.52 12.99 -0.38
CA VAL A 49 0.90 14.12 -1.08
C VAL A 49 0.03 13.68 -2.25
N GLY A 50 0.04 12.40 -2.62
CA GLY A 50 -0.73 11.98 -3.76
C GLY A 50 -0.59 10.49 -3.98
N TRP A 51 -0.89 10.07 -5.21
CA TRP A 51 -0.97 8.66 -5.56
C TRP A 51 -0.49 8.45 -6.99
N THR A 52 0.28 7.39 -7.21
CA THR A 52 0.66 7.05 -8.57
C THR A 52 -0.56 6.60 -9.36
N LEU A 53 -0.49 6.79 -10.66
CA LEU A 53 -1.56 6.39 -11.58
C LEU A 53 -1.07 5.36 -12.58
N GLY A 54 0.15 4.85 -12.43
CA GLY A 54 0.71 3.94 -13.39
C GLY A 54 2.23 4.01 -13.43
N LEU A 55 2.86 2.84 -13.43
CA LEU A 55 4.30 2.70 -13.54
C LEU A 55 4.56 1.72 -14.67
N PHE A 56 5.16 2.20 -15.76
CA PHE A 56 5.28 1.40 -16.98
C PHE A 56 6.73 1.32 -17.41
N GLN A 57 7.19 0.10 -17.69
CA GLN A 57 8.44 -0.06 -18.40
C GLN A 57 8.29 0.51 -19.81
N VAL A 58 9.32 1.24 -20.25
CA VAL A 58 9.30 1.87 -21.55
C VAL A 58 10.73 1.88 -22.06
N SER A 59 10.89 1.79 -23.37
CA SER A 59 12.22 2.04 -23.93
C SER A 59 12.73 3.35 -23.36
N HIS A 60 13.89 3.26 -22.70
CA HIS A 60 14.56 4.38 -22.03
C HIS A 60 14.43 4.28 -20.51
N GLY A 61 13.44 3.55 -20.01
CA GLY A 61 13.38 3.28 -18.58
C GLY A 61 11.96 3.09 -18.09
N ILE A 62 11.78 3.37 -16.79
CA ILE A 62 10.51 3.17 -16.10
C ILE A 62 9.85 4.52 -15.87
N PHE A 63 8.66 4.70 -16.44
CA PHE A 63 7.96 5.98 -16.40
C PHE A 63 6.86 5.96 -15.36
N CYS A 64 6.76 7.06 -14.60
CA CYS A 64 5.75 7.22 -13.57
C CYS A 64 4.87 8.40 -13.89
N THR A 65 3.56 8.20 -13.82
CA THR A 65 2.61 9.30 -13.81
C THR A 65 1.90 9.27 -12.47
N GLY A 66 1.65 10.45 -11.89
CA GLY A 66 1.04 10.51 -10.58
C GLY A 66 0.13 11.71 -10.48
N ALA A 67 -0.68 11.71 -9.43
CA ALA A 67 -1.58 12.80 -9.11
C ALA A 67 -1.20 13.34 -7.74
N ILE A 68 -0.98 14.66 -7.68
CA ILE A 68 -0.77 15.33 -6.40
C ILE A 68 -2.11 15.84 -5.93
N THR A 69 -2.62 15.30 -4.83
CA THR A 69 -4.00 15.54 -4.42
C THR A 69 -4.16 16.09 -3.01
N SER A 70 -3.13 16.06 -2.18
CA SER A 70 -3.24 16.58 -0.82
C SER A 70 -3.65 18.06 -0.82
N PRO A 71 -4.85 18.39 -0.33
CA PRO A 71 -5.19 19.81 -0.19
C PRO A 71 -4.18 20.59 0.65
N ALA A 72 -3.74 20.02 1.78
CA ALA A 72 -2.78 20.71 2.63
C ALA A 72 -1.50 21.02 1.86
N PHE A 73 -0.99 20.05 1.10
CA PHE A 73 0.25 20.26 0.37
C PHE A 73 0.06 21.26 -0.76
N LEU A 74 -1.02 21.11 -1.54
CA LEU A 74 -1.23 22.00 -2.67
C LEU A 74 -1.41 23.44 -2.21
N GLU A 75 -2.10 23.64 -1.09
CA GLU A 75 -2.29 24.98 -0.56
C GLU A 75 -0.97 25.57 -0.05
N LEU A 76 -0.19 24.75 0.66
CA LEU A 76 1.12 25.21 1.14
C LEU A 76 2.03 25.57 -0.02
N ALA A 77 2.14 24.66 -1.01
CA ALA A 77 3.06 24.88 -2.12
C ALA A 77 2.64 26.10 -2.94
N SER A 78 1.34 26.24 -3.21
CA SER A 78 0.90 27.37 -4.02
C SER A 78 1.10 28.68 -3.28
N ARG A 79 0.88 28.68 -1.97
CA ARG A 79 1.13 29.89 -1.18
C ARG A 79 2.61 30.28 -1.25
N LEU A 80 3.51 29.30 -1.07
CA LEU A 80 4.94 29.59 -1.19
C LEU A 80 5.30 30.05 -2.58
N ALA A 81 4.70 29.42 -3.61
CA ALA A 81 5.01 29.82 -4.97
C ALA A 81 4.65 31.27 -5.23
N ASP A 82 3.65 31.81 -4.52
CA ASP A 82 3.19 33.17 -4.76
C ASP A 82 3.79 34.21 -3.82
N THR A 83 4.39 33.81 -2.70
CA THR A 83 4.80 34.78 -1.69
C THR A 83 6.20 34.60 -1.13
N SER A 84 6.92 33.52 -1.46
CA SER A 84 8.19 33.23 -0.82
C SER A 84 9.34 33.60 -1.74
N HIS A 85 10.16 34.56 -1.32
CA HIS A 85 11.38 34.88 -2.06
C HIS A 85 12.33 33.70 -2.10
N VAL A 86 12.36 32.90 -1.03
CA VAL A 86 13.24 31.72 -0.98
C VAL A 86 12.81 30.69 -2.01
N ALA A 87 11.51 30.39 -2.05
CA ALA A 87 11.03 29.40 -3.01
C ALA A 87 11.31 29.83 -4.44
N ARG A 88 11.17 31.14 -4.70
CA ARG A 88 11.30 31.63 -6.06
C ARG A 88 12.73 31.95 -6.44
N ALA A 89 13.67 31.96 -5.49
CA ALA A 89 15.02 32.41 -5.81
C ALA A 89 15.67 31.57 -6.90
N PRO A 90 15.61 30.24 -6.88
CA PRO A 90 16.28 29.42 -7.89
C PRO A 90 15.46 29.17 -9.15
N VAL A 91 14.34 29.86 -9.33
CA VAL A 91 13.49 29.69 -10.50
C VAL A 91 13.65 30.94 -11.36
N LYS A 92 13.41 30.79 -12.67
CA LYS A 92 13.44 31.94 -13.55
C LYS A 92 12.50 33.03 -13.01
N ASN A 93 12.83 34.29 -13.30
CA ASN A 93 12.00 35.38 -12.81
C ASN A 93 10.63 35.38 -13.48
N LEU A 94 9.61 35.76 -12.71
CA LEU A 94 8.28 36.06 -13.21
C LEU A 94 7.68 34.93 -14.05
N PRO A 95 7.70 33.69 -13.55
CA PRO A 95 7.12 32.59 -14.33
C PRO A 95 5.60 32.66 -14.35
N LYS A 96 5.02 32.11 -15.43
CA LYS A 96 3.57 32.18 -15.60
C LYS A 96 2.85 31.29 -14.58
N GLU A 97 3.39 30.11 -14.30
CA GLU A 97 2.75 29.15 -13.41
C GLU A 97 3.73 28.86 -12.28
N PRO A 98 3.77 29.72 -11.25
CA PRO A 98 4.82 29.58 -10.23
C PRO A 98 4.79 28.25 -9.53
N LEU A 99 3.61 27.73 -9.22
CA LEU A 99 3.54 26.46 -8.51
C LEU A 99 4.20 25.35 -9.31
N LEU A 100 3.91 25.26 -10.60
CA LEU A 100 4.55 24.22 -11.41
C LEU A 100 6.06 24.41 -11.48
N GLU A 101 6.52 25.66 -11.55
CA GLU A 101 7.96 25.88 -11.63
C GLU A 101 8.65 25.54 -10.31
N ILE A 102 8.02 25.90 -9.20
CA ILE A 102 8.65 25.65 -7.91
C ILE A 102 8.77 24.15 -7.65
N LEU A 103 7.75 23.37 -8.00
CA LEU A 103 7.84 21.93 -7.83
C LEU A 103 8.89 21.31 -8.77
N HIS A 104 8.86 21.71 -10.05
CA HIS A 104 9.84 21.25 -11.03
C HIS A 104 11.28 21.51 -10.57
N THR A 105 11.49 22.61 -9.84
CA THR A 105 12.83 22.98 -9.41
C THR A 105 13.22 22.33 -8.09
N TRP A 106 12.33 22.40 -7.09
CA TRP A 106 12.69 21.98 -5.75
C TRP A 106 12.55 20.47 -5.55
N LEU A 107 11.67 19.81 -6.31
CA LEU A 107 11.46 18.36 -6.20
C LEU A 107 11.61 17.74 -7.59
N PRO A 108 12.83 17.75 -8.14
CA PRO A 108 13.02 17.29 -9.52
C PRO A 108 13.05 15.78 -9.68
N GLY A 109 13.21 15.02 -8.59
CA GLY A 109 13.50 13.60 -8.69
C GLY A 109 12.28 12.77 -8.33
N LEU A 110 12.04 11.72 -9.12
CA LEU A 110 11.04 10.70 -8.79
C LEU A 110 11.79 9.43 -8.45
N SER A 111 11.48 8.86 -7.29
CA SER A 111 12.25 7.76 -6.71
C SER A 111 11.28 6.65 -6.32
N LEU A 112 11.41 5.49 -6.97
CA LEU A 112 10.53 4.35 -6.75
C LEU A 112 11.20 3.40 -5.76
N SER A 113 10.53 3.16 -4.63
CA SER A 113 11.04 2.27 -3.59
C SER A 113 10.70 0.81 -3.94
N SER A 114 11.68 -0.07 -3.81
CA SER A 114 11.46 -1.49 -4.08
C SER A 114 12.10 -2.31 -2.97
N ILE A 115 11.75 -3.60 -2.95
CA ILE A 115 12.41 -4.53 -2.04
C ILE A 115 13.83 -4.79 -2.54
N HIS A 116 14.64 -5.39 -1.69
CA HIS A 116 16.04 -5.64 -2.01
C HIS A 116 16.17 -6.60 -3.19
N PRO A 117 17.19 -6.42 -4.03
CA PRO A 117 17.37 -7.31 -5.18
C PRO A 117 17.57 -8.78 -4.81
N ARG A 118 17.98 -9.09 -3.58
CA ARG A 118 18.09 -10.49 -3.19
C ARG A 118 16.72 -11.16 -3.21
N GLU A 119 15.68 -10.44 -2.78
CA GLU A 119 14.32 -10.95 -2.89
C GLU A 119 13.88 -11.04 -4.35
N LEU A 120 14.51 -10.29 -5.25
CA LEU A 120 14.08 -10.23 -6.64
C LEU A 120 14.69 -11.35 -7.49
N SER A 121 15.70 -12.06 -6.98
CA SER A 121 16.26 -13.17 -7.73
C SER A 121 15.21 -14.26 -7.95
N GLN A 122 14.50 -14.64 -6.89
CA GLN A 122 13.55 -15.75 -6.95
C GLN A 122 12.26 -15.37 -6.24
N THR A 123 11.17 -15.28 -7.01
CA THR A 123 9.78 -15.17 -6.58
C THR A 123 9.59 -14.39 -5.28
N PRO A 124 9.25 -13.10 -5.37
CA PRO A 124 8.96 -12.33 -4.15
C PRO A 124 7.67 -12.81 -3.50
N SER A 125 7.67 -12.78 -2.17
CA SER A 125 6.48 -13.16 -1.41
C SER A 125 5.40 -12.10 -1.53
N GLY A 126 5.75 -10.85 -1.29
CA GLY A 126 4.78 -9.78 -1.27
C GLY A 126 5.11 -8.65 -2.24
N PRO A 127 4.46 -7.51 -2.04
CA PRO A 127 4.60 -6.40 -2.99
C PRO A 127 6.05 -6.00 -3.22
N VAL A 128 6.41 -5.83 -4.49
CA VAL A 128 7.78 -5.48 -4.86
C VAL A 128 8.04 -4.00 -4.60
N PHE A 129 7.02 -3.15 -4.73
CA PHE A 129 7.17 -1.70 -4.65
C PHE A 129 6.36 -1.17 -3.48
N GLN A 130 6.82 -0.06 -2.90
CA GLN A 130 6.16 0.50 -1.72
C GLN A 130 5.59 1.89 -1.93
N HIS A 131 6.28 2.74 -2.70
CA HIS A 131 5.86 4.12 -2.86
C HIS A 131 6.75 4.75 -3.91
N VAL A 132 6.36 5.92 -4.35
CA VAL A 132 7.22 6.79 -5.14
C VAL A 132 7.37 8.09 -4.37
N SER A 133 8.59 8.60 -4.30
CA SER A 133 8.85 9.83 -3.57
C SER A 133 9.27 10.92 -4.53
N LEU A 134 8.73 12.12 -4.28
CA LEU A 134 9.29 13.35 -4.84
C LEU A 134 10.52 13.70 -4.02
N CYS A 135 11.67 13.91 -4.69
CA CYS A 135 12.92 14.05 -3.95
C CYS A 135 13.67 15.31 -4.36
N ALA A 136 14.26 15.96 -3.37
CA ALA A 136 15.14 17.09 -3.60
C ALA A 136 16.50 16.65 -4.11
N LEU A 137 16.98 15.49 -3.66
CA LEU A 137 18.32 15.00 -3.95
C LEU A 137 18.25 13.55 -4.42
N GLY A 138 19.28 13.13 -5.14
CA GLY A 138 19.46 11.73 -5.49
C GLY A 138 19.03 11.31 -6.88
N ARG A 139 18.83 12.24 -7.81
CA ARG A 139 18.41 11.85 -9.16
C ARG A 139 19.61 11.39 -9.96
N ARG A 140 19.47 10.24 -10.63
CA ARG A 140 20.53 9.69 -11.46
C ARG A 140 19.99 9.28 -12.82
N ARG A 141 19.36 8.11 -12.86
CA ARG A 141 18.75 7.64 -14.10
C ARG A 141 17.43 8.35 -14.40
N GLY A 142 16.73 8.83 -13.38
CA GLY A 142 15.47 9.48 -13.60
C GLY A 142 15.62 10.81 -14.31
N THR A 143 14.54 11.24 -14.95
CA THR A 143 14.46 12.56 -15.55
C THR A 143 14.04 13.57 -14.50
N VAL A 144 14.13 14.85 -14.84
CA VAL A 144 13.57 15.87 -13.97
C VAL A 144 12.05 15.80 -14.06
N ALA A 145 11.41 15.68 -12.91
CA ALA A 145 9.96 15.52 -12.87
C ALA A 145 9.26 16.71 -13.49
N VAL A 146 8.19 16.44 -14.24
CA VAL A 146 7.37 17.48 -14.86
C VAL A 146 6.02 17.53 -14.16
N TYR A 147 5.60 18.73 -13.80
CA TYR A 147 4.34 18.95 -13.10
C TYR A 147 3.41 19.75 -14.00
N GLY A 148 2.15 19.32 -14.11
CA GLY A 148 1.20 20.00 -14.96
C GLY A 148 -0.23 19.80 -14.47
N HIS A 149 -1.17 20.46 -15.15
CA HIS A 149 -2.58 20.34 -14.79
C HIS A 149 -3.33 19.30 -15.61
N ASP A 150 -2.73 18.80 -16.68
CA ASP A 150 -3.34 17.72 -17.47
C ASP A 150 -2.28 16.67 -17.78
N ALA A 151 -2.67 15.39 -17.67
CA ALA A 151 -1.70 14.31 -17.82
C ALA A 151 -1.10 14.27 -19.22
N GLU A 152 -1.88 14.63 -20.23
CA GLU A 152 -1.38 14.57 -21.61
C GLU A 152 -0.24 15.54 -21.81
N TRP A 153 -0.41 16.79 -21.39
CA TRP A 153 0.66 17.77 -21.50
C TRP A 153 1.93 17.29 -20.79
N VAL A 154 1.76 16.63 -19.65
CA VAL A 154 2.92 16.17 -18.88
C VAL A 154 3.67 15.10 -19.65
N VAL A 155 2.97 14.04 -20.08
CA VAL A 155 3.62 12.95 -20.80
C VAL A 155 4.26 13.45 -22.08
N SER A 156 3.65 14.45 -22.72
CA SER A 156 4.19 14.99 -23.96
C SER A 156 5.59 15.55 -23.78
N ARG A 157 5.89 16.12 -22.62
CA ARG A 157 7.16 16.80 -22.42
C ARG A 157 8.37 15.89 -22.58
N PHE A 158 8.18 14.58 -22.64
CA PHE A 158 9.29 13.63 -22.72
C PHE A 158 9.39 13.13 -24.15
N SER A 159 10.34 13.68 -24.91
CA SER A 159 10.59 13.21 -26.27
C SER A 159 11.04 11.75 -26.28
N SER A 160 11.62 11.27 -25.18
CA SER A 160 12.06 9.89 -25.07
C SER A 160 10.91 8.92 -24.85
N VAL A 161 9.67 9.35 -25.12
CA VAL A 161 8.47 8.52 -24.97
C VAL A 161 7.67 8.63 -26.25
N SER A 162 7.53 7.52 -26.97
CA SER A 162 6.94 7.52 -28.30
C SER A 162 5.43 7.72 -28.24
N LYS A 163 4.85 7.99 -29.40
CA LYS A 163 3.40 8.20 -29.48
C LYS A 163 2.64 6.99 -28.95
N SER A 164 3.10 5.78 -29.29
CA SER A 164 2.46 4.58 -28.79
C SER A 164 2.57 4.50 -27.27
N GLU A 165 3.80 4.54 -26.75
CA GLU A 165 4.00 4.50 -25.30
C GLU A 165 3.16 5.56 -24.60
N ARG A 166 3.12 6.78 -25.16
CA ARG A 166 2.31 7.84 -24.58
C ARG A 166 0.83 7.49 -24.59
N ALA A 167 0.37 6.79 -25.63
CA ALA A 167 -1.03 6.38 -25.67
C ALA A 167 -1.33 5.32 -24.62
N HIS A 168 -0.39 4.39 -24.40
CA HIS A 168 -0.60 3.37 -23.38
C HIS A 168 -0.61 3.98 -21.98
N ILE A 169 0.43 4.75 -21.66
CA ILE A 169 0.48 5.45 -20.37
C ILE A 169 -0.83 6.19 -20.12
N LEU A 170 -1.29 6.95 -21.11
CA LEU A 170 -2.49 7.78 -20.91
C LEU A 170 -3.75 6.94 -20.82
N GLN A 171 -3.77 5.76 -21.45
CA GLN A 171 -4.94 4.88 -21.34
C GLN A 171 -5.25 4.55 -19.89
N HIS A 172 -4.25 4.03 -19.16
CA HIS A 172 -4.48 3.63 -17.78
C HIS A 172 -4.69 4.83 -16.86
N VAL A 173 -4.16 6.01 -17.22
CA VAL A 173 -4.34 7.18 -16.37
C VAL A 173 -5.81 7.59 -16.32
N SER A 174 -6.46 7.68 -17.47
CA SER A 174 -7.85 8.13 -17.50
C SER A 174 -8.79 7.13 -16.85
N SER A 175 -8.42 5.84 -16.85
CA SER A 175 -9.25 4.83 -16.19
C SER A 175 -9.16 4.90 -14.68
N CYS A 176 -8.26 5.71 -14.14
CA CYS A 176 -8.03 5.77 -12.70
C CYS A 176 -9.00 6.72 -12.03
N ARG A 177 -9.48 6.32 -10.86
CA ARG A 177 -10.28 7.21 -10.03
C ARG A 177 -9.46 8.44 -9.65
N LEU A 178 -10.12 9.59 -9.62
CA LEU A 178 -9.47 10.85 -9.26
C LEU A 178 -10.03 11.40 -7.95
N GLU A 179 -11.36 11.61 -7.89
CA GLU A 179 -11.99 11.99 -6.64
C GLU A 179 -12.11 10.81 -5.69
N ASP A 180 -11.94 9.59 -6.18
CA ASP A 180 -12.06 8.40 -5.34
C ASP A 180 -10.76 8.05 -4.61
N LEU A 181 -9.63 8.62 -5.02
CA LEU A 181 -8.38 8.36 -4.34
C LEU A 181 -8.45 8.82 -2.89
N SER A 182 -7.98 7.96 -1.99
CA SER A 182 -7.99 8.28 -0.57
C SER A 182 -7.23 9.58 -0.30
N THR A 183 -7.53 10.20 0.84
CA THR A 183 -6.90 11.49 1.18
C THR A 183 -5.51 11.24 1.76
N PRO A 184 -4.45 11.78 1.15
CA PRO A 184 -3.10 11.53 1.66
C PRO A 184 -2.90 12.18 3.02
N ASN A 185 -1.91 11.69 3.75
CA ASN A 185 -1.75 12.07 5.16
C ASN A 185 -0.83 13.27 5.39
N PHE A 186 -0.34 13.94 4.34
CA PHE A 186 0.53 15.09 4.55
C PHE A 186 -0.17 16.15 5.40
N VAL A 187 0.55 16.66 6.40
CA VAL A 187 0.09 17.80 7.20
C VAL A 187 1.13 18.91 7.07
N SER A 188 0.64 20.14 6.94
CA SER A 188 1.50 21.30 6.75
C SER A 188 2.22 21.65 8.04
N PRO A 189 3.56 21.65 8.09
CA PRO A 189 4.27 22.09 9.30
C PRO A 189 4.03 23.54 9.66
N LEU A 190 3.21 24.25 8.89
CA LEU A 190 2.86 25.63 9.19
C LEU A 190 1.54 25.70 9.95
N GLY B 1 -6.09 2.27 16.38
CA GLY B 1 -5.87 1.11 15.53
C GLY B 1 -6.02 -0.20 16.29
N LEU B 2 -6.37 -1.26 15.55
CA LEU B 2 -6.55 -2.58 16.12
C LEU B 2 -5.52 -3.54 15.54
N TYR B 3 -5.28 -4.62 16.26
CA TYR B 3 -4.49 -5.72 15.74
C TYR B 3 -5.40 -6.89 15.42
N VAL B 4 -5.05 -7.64 14.37
CA VAL B 4 -5.75 -8.86 14.02
C VAL B 4 -4.70 -9.96 13.88
N GLY B 5 -5.09 -11.18 14.23
CA GLY B 5 -4.15 -12.26 14.13
C GLY B 5 -4.86 -13.59 14.08
N GLY B 6 -4.17 -14.58 13.56
CA GLY B 6 -4.68 -15.93 13.51
C GLY B 6 -4.04 -16.71 12.38
N PHE B 7 -4.43 -17.98 12.28
CA PHE B 7 -4.05 -18.77 11.13
C PHE B 7 -4.89 -18.37 9.93
N VAL B 8 -4.32 -18.53 8.74
CA VAL B 8 -4.95 -18.11 7.50
C VAL B 8 -5.23 -19.34 6.65
N ASP B 9 -6.29 -19.29 5.87
CA ASP B 9 -6.31 -20.23 4.77
C ASP B 9 -5.73 -19.55 3.54
N VAL B 10 -5.40 -20.34 2.55
CA VAL B 10 -4.71 -19.86 1.36
C VAL B 10 -5.61 -20.15 0.16
N VAL B 11 -5.97 -19.12 -0.58
CA VAL B 11 -6.93 -19.23 -1.66
C VAL B 11 -6.39 -18.58 -2.91
N SER B 12 -6.70 -19.17 -4.06
CA SER B 12 -6.49 -18.56 -5.36
C SER B 12 -7.80 -18.50 -6.11
N CYS B 13 -7.92 -17.51 -6.99
CA CYS B 13 -9.10 -17.40 -7.84
C CYS B 13 -8.80 -17.97 -9.22
N PRO B 14 -9.06 -19.25 -9.44
CA PRO B 14 -8.85 -19.82 -10.78
C PRO B 14 -9.67 -19.08 -11.83
N LYS B 15 -9.35 -19.36 -13.09
CA LYS B 15 -10.03 -18.67 -14.19
C LYS B 15 -11.51 -19.02 -14.22
N LEU B 16 -11.83 -20.31 -14.40
CA LEU B 16 -13.22 -20.72 -14.55
C LEU B 16 -13.88 -21.09 -13.23
N GLU B 17 -13.16 -21.77 -12.34
CA GLU B 17 -13.75 -22.14 -11.06
C GLU B 17 -13.91 -20.91 -10.17
N GLN B 18 -14.74 -21.06 -9.14
CA GLN B 18 -14.97 -19.94 -8.21
C GLN B 18 -13.75 -19.72 -7.35
N GLU B 19 -13.34 -20.74 -6.60
CA GLU B 19 -12.38 -20.55 -5.53
C GLU B 19 -11.58 -21.84 -5.37
N LEU B 20 -10.26 -21.70 -5.22
CA LEU B 20 -9.38 -22.83 -4.97
C LEU B 20 -8.70 -22.63 -3.63
N TYR B 21 -8.89 -23.59 -2.73
CA TYR B 21 -8.25 -23.58 -1.43
C TYR B 21 -7.01 -24.45 -1.49
N LEU B 22 -5.85 -23.83 -1.29
CA LEU B 22 -4.57 -24.50 -1.35
C LEU B 22 -4.22 -25.09 0.01
N ASP B 23 -3.43 -26.14 -0.02
CA ASP B 23 -2.77 -26.63 1.19
C ASP B 23 -1.71 -25.62 1.59
N PRO B 24 -1.71 -25.13 2.83
CA PRO B 24 -0.67 -24.15 3.22
C PRO B 24 0.74 -24.64 2.99
N ASP B 25 0.97 -25.96 3.00
CA ASP B 25 2.30 -26.46 2.73
C ASP B 25 2.75 -26.14 1.31
N GLN B 26 1.82 -25.87 0.39
CA GLN B 26 2.18 -25.55 -0.98
C GLN B 26 2.83 -24.19 -1.14
N VAL B 27 2.86 -23.35 -0.11
CA VAL B 27 3.45 -22.02 -0.26
C VAL B 27 4.43 -21.70 0.86
N THR B 28 4.80 -22.69 1.66
CA THR B 28 5.72 -22.37 2.75
C THR B 28 7.13 -22.02 2.27
N ASP B 29 7.47 -22.34 1.02
CA ASP B 29 8.74 -21.86 0.46
C ASP B 29 8.80 -20.35 0.43
N TYR B 30 7.65 -19.69 0.42
CA TYR B 30 7.56 -18.24 0.29
C TYR B 30 7.33 -17.55 1.63
N LEU B 31 7.48 -18.27 2.73
CA LEU B 31 7.41 -17.72 4.06
C LEU B 31 8.82 -17.63 4.63
N PRO B 32 9.04 -16.71 5.58
CA PRO B 32 8.02 -15.77 6.08
C PRO B 32 7.76 -14.63 5.11
N VAL B 33 6.59 -13.99 5.22
CA VAL B 33 6.27 -12.81 4.44
C VAL B 33 6.49 -11.61 5.36
N THR B 34 7.48 -10.79 5.04
CA THR B 34 7.73 -9.59 5.82
C THR B 34 7.35 -8.30 5.09
N GLU B 35 7.22 -8.34 3.77
CA GLU B 35 6.63 -7.21 3.07
C GLU B 35 5.20 -7.02 3.57
N PRO B 36 4.79 -5.78 3.85
CA PRO B 36 3.39 -5.52 4.19
C PRO B 36 2.45 -5.90 3.05
N LEU B 37 1.46 -6.77 3.36
CA LEU B 37 0.37 -7.02 2.44
C LEU B 37 -0.83 -6.18 2.83
N PRO B 38 -1.60 -5.69 1.87
CA PRO B 38 -2.84 -4.99 2.22
C PRO B 38 -3.80 -5.97 2.90
N ILE B 39 -4.54 -5.47 3.88
CA ILE B 39 -5.63 -6.23 4.50
C ILE B 39 -6.91 -5.62 3.97
N THR B 40 -7.74 -6.43 3.32
CA THR B 40 -8.97 -5.99 2.70
C THR B 40 -10.16 -6.75 3.28
N ILE B 41 -11.35 -6.38 2.84
CA ILE B 41 -12.60 -7.00 3.30
C ILE B 41 -13.13 -7.88 2.19
N GLU B 42 -13.16 -9.20 2.43
CA GLU B 42 -13.85 -10.13 1.55
C GLU B 42 -13.38 -10.00 0.10
N HIS B 43 -12.08 -9.77 -0.08
CA HIS B 43 -11.46 -9.69 -1.40
C HIS B 43 -12.10 -8.60 -2.26
N LEU B 44 -12.75 -7.61 -1.62
CA LEU B 44 -13.38 -6.50 -2.33
C LEU B 44 -12.35 -5.43 -2.65
N PRO B 45 -12.40 -4.87 -3.86
CA PRO B 45 -11.29 -4.04 -4.37
C PRO B 45 -10.83 -2.90 -3.46
N GLU B 46 -11.70 -1.93 -3.24
CA GLU B 46 -11.35 -0.69 -2.52
C GLU B 46 -11.78 -0.77 -1.06
N THR B 47 -11.32 -1.82 -0.36
CA THR B 47 -11.63 -2.00 1.05
C THR B 47 -10.39 -2.28 1.86
N GLU B 48 -9.26 -1.67 1.49
CA GLU B 48 -8.06 -1.80 2.31
C GLU B 48 -8.31 -1.16 3.67
N VAL B 49 -8.15 -1.95 4.74
CA VAL B 49 -8.34 -1.42 6.09
C VAL B 49 -7.06 -1.39 6.87
N GLY B 50 -5.98 -1.95 6.34
CA GLY B 50 -4.75 -2.03 7.11
C GLY B 50 -3.71 -2.81 6.34
N TRP B 51 -2.69 -3.28 7.07
CA TRP B 51 -1.51 -3.90 6.51
C TRP B 51 -1.07 -5.06 7.39
N THR B 52 -0.59 -6.13 6.77
CA THR B 52 -0.06 -7.23 7.56
C THR B 52 1.28 -6.84 8.18
N LEU B 53 1.59 -7.46 9.32
CA LEU B 53 2.80 -7.25 10.08
C LEU B 53 3.62 -8.54 10.16
N GLY B 54 3.58 -9.33 9.10
CA GLY B 54 4.35 -10.58 9.12
C GLY B 54 3.40 -11.77 9.07
N LEU B 55 3.72 -12.69 8.16
CA LEU B 55 3.12 -14.02 8.16
C LEU B 55 4.23 -15.03 8.32
N PHE B 56 4.06 -15.94 9.27
CA PHE B 56 5.11 -16.87 9.69
C PHE B 56 4.60 -18.29 9.62
N GLN B 57 5.48 -19.22 9.25
CA GLN B 57 5.16 -20.64 9.35
C GLN B 57 5.19 -21.04 10.82
N VAL B 58 4.05 -21.49 11.34
CA VAL B 58 3.90 -21.77 12.76
C VAL B 58 3.07 -23.04 12.90
N SER B 59 3.61 -24.01 13.63
CA SER B 59 2.85 -25.21 13.96
C SER B 59 2.31 -25.87 12.70
N HIS B 60 0.99 -26.02 12.63
CA HIS B 60 0.35 -26.72 11.53
C HIS B 60 0.21 -25.88 10.26
N GLY B 61 0.50 -24.58 10.32
CA GLY B 61 0.18 -23.75 9.18
C GLY B 61 0.87 -22.40 9.15
N ILE B 62 0.10 -21.35 8.83
CA ILE B 62 0.63 -20.02 8.57
C ILE B 62 -0.11 -19.04 9.46
N PHE B 63 0.61 -18.37 10.36
CA PHE B 63 0.03 -17.42 11.30
C PHE B 63 0.26 -16.00 10.78
N CYS B 64 -0.80 -15.21 10.75
CA CYS B 64 -0.75 -13.82 10.29
C CYS B 64 -0.96 -12.88 11.47
N THR B 65 -0.19 -11.79 11.51
CA THR B 65 -0.50 -10.67 12.39
C THR B 65 -0.66 -9.43 11.53
N GLY B 66 -1.61 -8.57 11.91
CA GLY B 66 -1.87 -7.40 11.10
C GLY B 66 -2.35 -6.23 11.93
N ALA B 67 -2.28 -5.05 11.31
CA ALA B 67 -2.78 -3.81 11.91
C ALA B 67 -3.94 -3.30 11.08
N ILE B 68 -5.06 -3.05 11.74
CA ILE B 68 -6.22 -2.41 11.12
C ILE B 68 -6.12 -0.93 11.46
N THR B 69 -5.83 -0.13 10.44
CA THR B 69 -5.47 1.28 10.66
C THR B 69 -6.44 2.27 10.03
N SER B 70 -7.33 1.83 9.15
CA SER B 70 -8.18 2.77 8.44
C SER B 70 -9.12 3.51 9.39
N PRO B 71 -8.99 4.83 9.53
CA PRO B 71 -9.92 5.53 10.43
C PRO B 71 -11.37 5.38 10.01
N ALA B 72 -11.66 5.46 8.71
CA ALA B 72 -13.04 5.35 8.26
C ALA B 72 -13.63 3.97 8.56
N PHE B 73 -12.85 2.91 8.32
CA PHE B 73 -13.38 1.58 8.63
C PHE B 73 -13.60 1.41 10.13
N LEU B 74 -12.67 1.88 10.96
CA LEU B 74 -12.82 1.69 12.39
C LEU B 74 -14.01 2.47 12.92
N GLU B 75 -14.21 3.70 12.44
CA GLU B 75 -15.39 4.45 12.87
C GLU B 75 -16.67 3.72 12.48
N LEU B 76 -16.70 3.19 11.26
CA LEU B 76 -17.92 2.57 10.73
C LEU B 76 -18.22 1.26 11.45
N ALA B 77 -17.20 0.43 11.64
CA ALA B 77 -17.40 -0.82 12.37
C ALA B 77 -17.82 -0.56 13.82
N SER B 78 -17.21 0.45 14.45
CA SER B 78 -17.59 0.80 15.81
C SER B 78 -19.03 1.32 15.88
N ARG B 79 -19.44 2.14 14.90
CA ARG B 79 -20.81 2.63 14.88
C ARG B 79 -21.80 1.51 14.67
N LEU B 80 -21.47 0.54 13.81
CA LEU B 80 -22.34 -0.62 13.65
C LEU B 80 -22.40 -1.43 14.95
N ALA B 81 -21.26 -1.62 15.61
CA ALA B 81 -21.24 -2.41 16.83
C ALA B 81 -22.11 -1.78 17.90
N ASP B 82 -22.20 -0.46 17.91
CA ASP B 82 -22.96 0.26 18.92
C ASP B 82 -24.43 0.41 18.58
N THR B 83 -24.78 0.58 17.30
CA THR B 83 -26.10 1.07 16.96
C THR B 83 -26.90 0.18 16.02
N SER B 84 -26.29 -0.83 15.39
CA SER B 84 -27.02 -1.68 14.46
C SER B 84 -27.57 -2.88 15.18
N HIS B 85 -28.91 -3.00 15.27
CA HIS B 85 -29.46 -4.20 15.88
C HIS B 85 -29.11 -5.44 15.09
N VAL B 86 -28.99 -5.31 13.77
CA VAL B 86 -28.64 -6.43 12.90
C VAL B 86 -27.23 -6.91 13.22
N ALA B 87 -26.27 -5.99 13.26
CA ALA B 87 -24.91 -6.38 13.60
C ALA B 87 -24.82 -7.01 14.97
N ARG B 88 -25.62 -6.53 15.92
CA ARG B 88 -25.53 -7.04 17.29
C ARG B 88 -26.33 -8.32 17.50
N ALA B 89 -27.19 -8.69 16.58
CA ALA B 89 -28.09 -9.80 16.86
C ALA B 89 -27.34 -11.11 17.11
N PRO B 90 -26.33 -11.48 16.32
CA PRO B 90 -25.65 -12.77 16.54
C PRO B 90 -24.65 -12.75 17.68
N VAL B 91 -24.54 -11.63 18.40
CA VAL B 91 -23.70 -11.54 19.59
C VAL B 91 -24.60 -11.48 20.82
N LYS B 92 -24.06 -11.91 21.95
CA LYS B 92 -24.74 -11.65 23.20
C LYS B 92 -24.22 -10.31 23.75
N ASN B 93 -23.09 -10.28 24.46
CA ASN B 93 -22.27 -11.42 24.82
C ASN B 93 -22.45 -11.85 26.30
N LEU B 94 -22.71 -10.93 27.23
CA LEU B 94 -22.79 -9.49 27.03
C LEU B 94 -21.48 -8.91 26.52
N PRO B 95 -21.53 -8.12 25.43
CA PRO B 95 -20.29 -7.64 24.82
C PRO B 95 -19.63 -6.53 25.63
N LYS B 96 -18.63 -6.90 26.43
CA LYS B 96 -17.79 -5.89 27.05
C LYS B 96 -17.09 -5.05 26.00
N GLU B 97 -16.67 -5.69 24.89
CA GLU B 97 -15.96 -5.05 23.78
C GLU B 97 -16.82 -5.20 22.54
N PRO B 98 -17.84 -4.35 22.36
CA PRO B 98 -18.72 -4.51 21.20
C PRO B 98 -17.96 -4.55 19.88
N LEU B 99 -16.93 -3.72 19.70
CA LEU B 99 -16.21 -3.69 18.44
C LEU B 99 -15.43 -4.98 18.22
N LEU B 100 -14.64 -5.40 19.20
CA LEU B 100 -13.84 -6.61 19.05
C LEU B 100 -14.73 -7.81 18.74
N GLU B 101 -15.89 -7.90 19.40
CA GLU B 101 -16.75 -9.06 19.18
C GLU B 101 -17.55 -8.95 17.89
N ILE B 102 -17.92 -7.74 17.45
CA ILE B 102 -18.60 -7.63 16.15
C ILE B 102 -17.64 -8.03 15.04
N LEU B 103 -16.36 -7.64 15.14
CA LEU B 103 -15.41 -8.05 14.11
C LEU B 103 -15.21 -9.56 14.14
N HIS B 104 -15.03 -10.14 15.32
CA HIS B 104 -14.84 -11.58 15.42
C HIS B 104 -16.07 -12.34 14.91
N THR B 105 -17.26 -11.77 15.13
CA THR B 105 -18.50 -12.45 14.74
C THR B 105 -18.74 -12.41 13.25
N TRP B 106 -18.56 -11.22 12.63
CA TRP B 106 -18.93 -11.04 11.23
C TRP B 106 -17.78 -11.24 10.26
N LEU B 107 -16.54 -11.09 10.72
CA LEU B 107 -15.34 -11.33 9.92
C LEU B 107 -14.49 -12.40 10.60
N PRO B 108 -15.00 -13.63 10.70
CA PRO B 108 -14.34 -14.63 11.53
C PRO B 108 -13.14 -15.32 10.88
N GLY B 109 -12.89 -15.11 9.59
CA GLY B 109 -11.78 -15.79 8.94
C GLY B 109 -10.77 -14.89 8.26
N LEU B 110 -9.55 -15.42 8.08
CA LEU B 110 -8.47 -14.71 7.40
C LEU B 110 -8.09 -15.53 6.17
N SER B 111 -8.13 -14.89 5.00
CA SER B 111 -7.80 -15.57 3.75
C SER B 111 -6.60 -14.88 3.11
N LEU B 112 -5.53 -15.64 2.92
CA LEU B 112 -4.35 -15.19 2.19
C LEU B 112 -4.55 -15.48 0.70
N SER B 113 -4.59 -14.44 -0.10
CA SER B 113 -4.78 -14.56 -1.54
C SER B 113 -3.43 -14.82 -2.21
N SER B 114 -3.39 -15.86 -3.04
CA SER B 114 -2.16 -16.37 -3.63
C SER B 114 -2.36 -16.59 -5.12
N ILE B 115 -1.27 -16.53 -5.89
CA ILE B 115 -1.40 -16.88 -7.31
C ILE B 115 -1.67 -18.37 -7.45
N HIS B 116 -2.13 -18.77 -8.63
CA HIS B 116 -2.47 -20.16 -8.85
C HIS B 116 -1.24 -21.04 -8.67
N PRO B 117 -1.39 -22.21 -8.05
CA PRO B 117 -0.21 -23.10 -7.86
C PRO B 117 0.53 -23.44 -9.15
N ARG B 118 -0.19 -23.59 -10.26
CA ARG B 118 0.44 -23.78 -11.57
C ARG B 118 1.70 -22.94 -11.77
N GLU B 119 1.66 -21.69 -11.31
CA GLU B 119 2.55 -20.64 -11.81
C GLU B 119 3.74 -20.47 -10.87
N LEU B 120 4.63 -21.47 -10.90
CA LEU B 120 5.84 -21.43 -10.07
C LEU B 120 6.92 -20.59 -10.71
N SER B 121 7.18 -20.82 -12.01
CA SER B 121 8.18 -20.08 -12.73
C SER B 121 8.01 -18.58 -12.55
N PRO B 127 4.64 -11.20 -7.44
CA PRO B 127 4.65 -11.74 -6.08
C PRO B 127 3.65 -12.88 -5.94
N VAL B 128 3.94 -13.81 -5.02
CA VAL B 128 3.05 -14.94 -4.81
C VAL B 128 1.75 -14.49 -4.15
N PHE B 129 1.84 -13.58 -3.18
CA PHE B 129 0.71 -13.18 -2.37
C PHE B 129 0.25 -11.78 -2.74
N GLN B 130 -1.08 -11.58 -2.76
CA GLN B 130 -1.70 -10.32 -3.14
C GLN B 130 -2.18 -9.51 -1.95
N HIS B 131 -2.88 -10.17 -1.01
CA HIS B 131 -3.50 -9.47 0.11
C HIS B 131 -3.93 -10.53 1.12
N VAL B 132 -4.31 -10.05 2.31
CA VAL B 132 -5.02 -10.86 3.28
C VAL B 132 -6.38 -10.22 3.50
N SER B 133 -7.44 -11.02 3.43
CA SER B 133 -8.78 -10.48 3.58
C SER B 133 -9.38 -10.96 4.89
N LEU B 134 -10.03 -10.02 5.60
CA LEU B 134 -10.98 -10.38 6.65
C LEU B 134 -12.25 -10.88 5.97
N CYS B 135 -12.67 -12.13 6.25
CA CYS B 135 -13.69 -12.77 5.45
C CYS B 135 -14.94 -13.03 6.25
N ALA B 136 -16.09 -12.68 5.66
CA ALA B 136 -17.40 -13.00 6.18
C ALA B 136 -18.01 -14.22 5.52
N LEU B 137 -17.55 -14.58 4.33
CA LEU B 137 -18.22 -15.58 3.51
C LEU B 137 -17.42 -16.89 3.39
N GLY B 138 -16.37 -17.05 4.18
CA GLY B 138 -15.43 -18.13 4.00
C GLY B 138 -15.83 -19.40 4.72
N ARG B 139 -14.90 -20.35 4.75
CA ARG B 139 -15.19 -21.66 5.35
C ARG B 139 -15.21 -21.58 6.87
N ARG B 140 -15.73 -22.66 7.46
CA ARG B 140 -15.79 -22.80 8.91
C ARG B 140 -14.62 -23.60 9.46
N ARG B 141 -13.54 -23.72 8.69
CA ARG B 141 -12.36 -24.42 9.14
CA ARG B 141 -12.35 -24.43 9.14
C ARG B 141 -11.12 -23.69 8.63
N GLY B 142 -9.99 -24.02 9.23
CA GLY B 142 -8.71 -23.53 8.76
C GLY B 142 -8.27 -22.18 9.26
N THR B 143 -9.18 -21.33 9.74
CA THR B 143 -8.77 -19.99 10.11
C THR B 143 -9.79 -19.41 11.08
N VAL B 144 -9.31 -18.80 12.16
CA VAL B 144 -10.13 -18.01 13.06
C VAL B 144 -9.43 -16.67 13.25
N ALA B 145 -10.13 -15.58 12.95
CA ALA B 145 -9.59 -14.24 13.10
C ALA B 145 -9.88 -13.73 14.51
N VAL B 146 -8.85 -13.26 15.20
CA VAL B 146 -8.96 -12.67 16.53
C VAL B 146 -8.53 -11.22 16.45
N TYR B 147 -9.37 -10.32 17.01
CA TYR B 147 -9.13 -8.88 16.96
C TYR B 147 -8.91 -8.34 18.36
N GLY B 148 -7.91 -7.47 18.51
CA GLY B 148 -7.53 -7.02 19.84
C GLY B 148 -6.89 -5.65 19.79
N HIS B 149 -6.69 -5.08 20.98
CA HIS B 149 -6.13 -3.74 21.11
C HIS B 149 -4.61 -3.72 21.12
N ASP B 150 -3.97 -4.87 21.28
CA ASP B 150 -2.52 -4.96 21.18
C ASP B 150 -2.14 -6.36 20.71
N ALA B 151 -0.93 -6.49 20.19
CA ALA B 151 -0.52 -7.75 19.58
C ALA B 151 -0.37 -8.85 20.63
N GLU B 152 0.16 -8.51 21.80
CA GLU B 152 0.34 -9.51 22.85
C GLU B 152 -0.99 -10.18 23.20
N TRP B 153 -2.06 -9.40 23.31
CA TRP B 153 -3.36 -9.97 23.63
C TRP B 153 -3.84 -10.92 22.54
N VAL B 154 -3.64 -10.55 21.28
CA VAL B 154 -4.10 -11.37 20.17
C VAL B 154 -3.33 -12.68 20.11
N VAL B 155 -2.00 -12.60 20.11
CA VAL B 155 -1.18 -13.80 19.99
C VAL B 155 -1.31 -14.69 21.21
N SER B 156 -1.71 -14.14 22.36
CA SER B 156 -1.95 -14.93 23.55
C SER B 156 -3.26 -15.69 23.49
N ARG B 157 -4.09 -15.45 22.48
CA ARG B 157 -5.42 -16.04 22.37
C ARG B 157 -5.40 -17.41 21.72
N PHE B 158 -4.23 -17.99 21.46
CA PHE B 158 -4.13 -19.24 20.72
C PHE B 158 -3.41 -20.29 21.56
N SER B 159 -3.68 -21.56 21.23
CA SER B 159 -3.13 -22.68 21.96
C SER B 159 -1.98 -23.39 21.24
N SER B 160 -1.97 -23.38 19.91
CA SER B 160 -0.99 -24.18 19.17
C SER B 160 0.28 -23.42 18.82
N VAL B 161 0.42 -22.17 19.27
CA VAL B 161 1.63 -21.39 19.02
C VAL B 161 2.60 -21.59 20.18
N SER B 162 3.82 -21.99 19.87
CA SER B 162 4.77 -22.37 20.91
C SER B 162 5.31 -21.13 21.62
N LYS B 163 5.98 -21.37 22.75
CA LYS B 163 6.60 -20.29 23.52
C LYS B 163 7.52 -19.46 22.65
N SER B 164 8.41 -20.13 21.89
CA SER B 164 9.38 -19.40 21.10
C SER B 164 8.74 -18.76 19.87
N GLU B 165 7.81 -19.45 19.22
CA GLU B 165 7.09 -18.84 18.10
C GLU B 165 6.38 -17.58 18.55
N ARG B 166 5.71 -17.62 19.70
CA ARG B 166 5.09 -16.44 20.27
C ARG B 166 6.10 -15.30 20.41
N ALA B 167 7.24 -15.58 21.03
CA ALA B 167 8.24 -14.54 21.25
C ALA B 167 8.74 -13.97 19.93
N HIS B 168 8.93 -14.83 18.93
CA HIS B 168 9.41 -14.37 17.63
C HIS B 168 8.38 -13.46 16.96
N ILE B 169 7.12 -13.90 16.93
CA ILE B 169 6.06 -13.09 16.31
C ILE B 169 5.97 -11.73 16.97
N LEU B 170 5.91 -11.70 18.30
CA LEU B 170 5.76 -10.44 19.01
C LEU B 170 6.98 -9.55 18.81
N GLN B 171 8.18 -10.13 18.77
CA GLN B 171 9.38 -9.34 18.55
C GLN B 171 9.34 -8.68 17.18
N HIS B 172 8.99 -9.43 16.15
CA HIS B 172 8.90 -8.85 14.81
C HIS B 172 7.80 -7.80 14.74
N VAL B 173 6.64 -8.08 15.34
CA VAL B 173 5.54 -7.12 15.31
C VAL B 173 5.95 -5.82 15.98
N SER B 174 6.46 -5.90 17.22
CA SER B 174 6.87 -4.70 17.93
C SER B 174 7.83 -3.86 17.12
N SER B 175 8.69 -4.50 16.32
CA SER B 175 9.64 -3.76 15.50
C SER B 175 8.95 -2.92 14.43
N CYS B 176 7.72 -3.27 14.04
CA CYS B 176 6.99 -2.50 13.05
CA CYS B 176 6.99 -2.50 13.05
C CYS B 176 6.44 -1.22 13.69
N ARG B 177 6.62 -0.10 13.01
CA ARG B 177 6.12 1.18 13.47
C ARG B 177 4.77 1.45 12.80
N LEU B 178 3.69 1.29 13.57
CA LEU B 178 2.36 1.46 12.98
C LEU B 178 2.22 2.82 12.30
N GLU B 179 2.73 3.87 12.93
CA GLU B 179 2.60 5.21 12.36
C GLU B 179 3.25 5.33 10.99
N ASP B 180 4.19 4.44 10.66
CA ASP B 180 4.89 4.51 9.37
C ASP B 180 4.19 3.76 8.26
N LEU B 181 3.06 3.10 8.53
CA LEU B 181 2.30 2.43 7.49
C LEU B 181 1.49 3.45 6.69
N SER B 182 1.40 3.21 5.39
CA SER B 182 0.71 4.15 4.51
C SER B 182 -0.81 4.07 4.68
N THR B 183 -1.48 5.08 4.14
CA THR B 183 -2.93 5.22 4.21
C THR B 183 -3.64 4.13 3.41
N PRO B 184 -4.46 3.29 4.05
CA PRO B 184 -5.24 2.31 3.27
C PRO B 184 -6.38 2.98 2.53
N ASN B 185 -6.74 2.42 1.37
CA ASN B 185 -7.67 3.04 0.43
C ASN B 185 -9.15 2.92 0.78
N PHE B 186 -9.50 2.41 1.96
CA PHE B 186 -10.88 2.04 2.28
C PHE B 186 -11.90 3.09 1.83
N VAL B 187 -12.91 2.65 1.09
CA VAL B 187 -14.05 3.51 0.74
C VAL B 187 -15.33 2.88 1.29
N SER B 188 -16.02 3.62 2.14
CA SER B 188 -17.26 3.14 2.75
C SER B 188 -18.31 2.88 1.67
N PRO B 189 -18.92 1.69 1.65
CA PRO B 189 -19.81 1.36 0.52
C PRO B 189 -21.15 2.08 0.54
N LEU B 190 -21.68 2.43 1.72
CA LEU B 190 -22.98 3.07 1.82
C LEU B 190 -22.93 4.50 2.33
N GLU B 191 -21.81 4.94 2.88
CA GLU B 191 -21.62 6.34 3.30
C GLU B 191 -22.72 6.78 4.28
N THR B 192 -23.02 5.95 5.27
CA THR B 192 -23.90 6.41 6.32
C THR B 192 -23.16 7.37 7.24
N LEU B 193 -23.91 8.10 8.06
CA LEU B 193 -23.31 9.11 8.93
C LEU B 193 -22.65 10.20 8.09
#